data_2XH5
#
_entry.id   2XH5
#
_cell.length_a   44.948
_cell.length_b   61.233
_cell.length_c   135.671
_cell.angle_alpha   90.00
_cell.angle_beta   90.00
_cell.angle_gamma   90.00
#
_symmetry.space_group_name_H-M   'P 21 21 21'
#
loop_
_entity.id
_entity.type
_entity.pdbx_description
1 polymer 'RAC-BETA SERINE/THREONINE-PROTEIN KINASE'
2 polymer 'GLYCOGEN SYNTHASE KINASE-3 BETA'
3 non-polymer 4-(4-tert-butylbenzyl)-1-(7H-pyrrolo[2,3-d]pyrimidin-4-yl)piperidin-4-aminium
4 water water
#
loop_
_entity_poly.entity_id
_entity_poly.type
_entity_poly.pdbx_seq_one_letter_code
_entity_poly.pdbx_strand_id
1 'polypeptide(L)'
;GAMDPKVTMNDFDYLKLLGKGTFGKVILVREKATGRYYAMKILRKEVIIAKDEVAHTVTESRVLQNTRHPFLTALKYAFQ
THDRLCFVMEYANGGELFFHLSRERVFTEERARFYGAEIVSALEYLHSRDVVYRDIKLENLMLDKDGHIKITDFGLCKEG
ISDGATMK(TPO)FCGTPEYLAPEVLEDNDYGRAVDWWGLGVVMYEMMCGRLPFYNQDHERLFELILMEEIRFPRTLSPE
AKSLLAGLLKKDPKQRLGGGPSDAKEVMEHRFFLSINWQDVVQKKLLPPFKPQVTSEVDTRYFDDEFTAQSITITPPDRY
DSLGLLELDQREEQEMFEDFDYIADW
;
A
2 'polypeptide(L)' GRPRTTSFAE C
#
loop_
_chem_comp.id
_chem_comp.type
_chem_comp.name
_chem_comp.formula
X37 non-polymer 4-(4-tert-butylbenzyl)-1-(7H-pyrrolo[2,3-d]pyrimidin-4-yl)piperidin-4-aminium 'C22 H30 N5 1'
#
# COMPACT_ATOMS: atom_id res chain seq x y z
N LYS A 6 21.06 -18.56 -10.46
CA LYS A 6 20.99 -17.15 -10.95
C LYS A 6 19.83 -16.94 -11.93
N VAL A 7 19.33 -15.71 -12.01
CA VAL A 7 18.24 -15.37 -12.94
C VAL A 7 18.42 -14.08 -13.75
N THR A 8 17.92 -14.13 -14.97
CA THR A 8 18.21 -13.17 -16.02
C THR A 8 16.92 -12.62 -16.63
N MET A 9 17.03 -11.46 -17.26
CA MET A 9 15.91 -10.81 -17.94
C MET A 9 15.25 -11.72 -18.98
N ASN A 10 16.04 -12.58 -19.61
CA ASN A 10 15.55 -13.45 -20.67
C ASN A 10 14.99 -14.80 -20.18
N ASP A 11 14.74 -14.93 -18.88
CA ASP A 11 13.95 -16.05 -18.38
C ASP A 11 12.44 -15.76 -18.44
N PHE A 12 12.07 -14.60 -18.98
CA PHE A 12 10.72 -14.07 -18.90
C PHE A 12 10.17 -13.63 -20.25
N ASP A 13 8.87 -13.88 -20.45
CA ASP A 13 8.10 -13.37 -21.58
C ASP A 13 7.36 -12.11 -21.17
N TYR A 14 7.50 -11.06 -21.96
CA TYR A 14 6.97 -9.76 -21.57
C TYR A 14 5.60 -9.56 -22.21
N LEU A 15 4.55 -9.74 -21.42
CA LEU A 15 3.19 -9.91 -21.91
C LEU A 15 2.38 -8.61 -21.93
N LYS A 16 2.22 -7.93 -20.81
CA LYS A 16 1.47 -6.67 -20.81
C LYS A 16 2.07 -5.61 -19.91
N LEU A 17 1.86 -4.35 -20.27
CA LEU A 17 2.39 -3.23 -19.51
C LEU A 17 1.34 -2.81 -18.51
N LEU A 18 1.68 -2.87 -17.22
CA LEU A 18 0.78 -2.54 -16.11
C LEU A 18 0.98 -1.11 -15.53
N GLY A 19 2.21 -0.61 -15.57
CA GLY A 19 2.51 0.74 -15.13
C GLY A 19 3.78 1.26 -15.78
N LYS A 20 3.93 2.57 -15.76
CA LYS A 20 5.07 3.23 -16.38
C LYS A 20 5.23 4.60 -15.76
N GLY A 21 6.46 4.96 -15.43
CA GLY A 21 6.73 6.27 -14.87
C GLY A 21 8.18 6.60 -15.01
N THR A 22 8.58 7.70 -14.39
CA THR A 22 9.97 8.10 -14.36
C THR A 22 10.91 6.91 -14.13
N PHE A 23 10.76 6.25 -12.98
CA PHE A 23 11.74 5.29 -12.51
C PHE A 23 11.73 3.98 -13.26
N GLY A 24 10.72 3.75 -14.12
CA GLY A 24 10.65 2.55 -14.93
C GLY A 24 9.24 2.12 -15.29
N LYS A 25 9.07 0.80 -15.52
CA LYS A 25 7.82 0.20 -15.97
C LYS A 25 7.45 -0.92 -15.03
N VAL A 26 6.19 -1.33 -15.02
CA VAL A 26 5.84 -2.63 -14.46
C VAL A 26 5.11 -3.44 -15.51
N ILE A 27 5.62 -4.65 -15.76
CA ILE A 27 5.08 -5.54 -16.79
C ILE A 27 4.61 -6.85 -16.22
N LEU A 28 3.39 -7.25 -16.61
CA LEU A 28 2.99 -8.65 -16.46
C LEU A 28 3.99 -9.46 -17.24
N VAL A 29 4.56 -10.49 -16.63
CA VAL A 29 5.47 -11.39 -17.33
C VAL A 29 5.15 -12.83 -16.96
N ARG A 30 5.66 -13.76 -17.77
CA ARG A 30 5.52 -15.19 -17.55
C ARG A 30 6.91 -15.81 -17.52
N GLU A 31 7.32 -16.35 -16.38
CA GLU A 31 8.53 -17.15 -16.29
C GLU A 31 8.43 -18.31 -17.30
N LYS A 32 9.40 -18.40 -18.22
CA LYS A 32 9.30 -19.34 -19.33
C LYS A 32 9.43 -20.76 -18.83
N ALA A 33 10.33 -20.96 -17.87
CA ALA A 33 10.65 -22.30 -17.38
C ALA A 33 9.55 -22.95 -16.52
N THR A 34 8.54 -22.17 -16.09
CA THR A 34 7.50 -22.67 -15.15
C THR A 34 6.04 -22.41 -15.54
N GLY A 35 5.77 -21.39 -16.34
CA GLY A 35 4.38 -21.05 -16.73
C GLY A 35 3.73 -20.00 -15.83
N ARG A 36 4.34 -19.74 -14.67
CA ARG A 36 3.72 -18.93 -13.62
C ARG A 36 3.86 -17.43 -13.87
N TYR A 37 2.79 -16.66 -13.73
CA TYR A 37 2.74 -15.22 -14.11
C TYR A 37 3.11 -14.30 -12.93
N TYR A 38 3.88 -13.24 -13.21
CA TYR A 38 4.28 -12.24 -12.20
C TYR A 38 4.20 -10.83 -12.71
N ALA A 39 4.28 -9.88 -11.80
CA ALA A 39 4.44 -8.49 -12.17
C ALA A 39 5.89 -8.21 -11.99
N MET A 40 6.51 -7.60 -13.00
CA MET A 40 7.92 -7.25 -12.90
C MET A 40 8.05 -5.77 -12.85
N LYS A 41 8.75 -5.30 -11.82
CA LYS A 41 9.08 -3.89 -11.69
C LYS A 41 10.48 -3.68 -12.23
N ILE A 42 10.57 -2.88 -13.29
CA ILE A 42 11.82 -2.67 -13.98
C ILE A 42 12.19 -1.22 -13.84
N LEU A 43 13.38 -0.98 -13.31
CA LEU A 43 13.81 0.37 -12.98
C LEU A 43 15.17 0.65 -13.55
N ARG A 44 15.35 1.86 -14.10
CA ARG A 44 16.65 2.32 -14.62
C ARG A 44 17.57 2.76 -13.49
N LYS A 45 18.73 2.12 -13.36
CA LYS A 45 19.70 2.45 -12.31
C LYS A 45 20.19 3.89 -12.39
N GLU A 46 20.29 4.42 -13.59
CA GLU A 46 20.85 5.75 -13.72
C GLU A 46 19.84 6.81 -13.23
N VAL A 47 18.54 6.54 -13.39
CA VAL A 47 17.50 7.48 -12.92
C VAL A 47 17.29 7.36 -11.41
N ILE A 48 17.30 6.13 -10.91
CA ILE A 48 17.29 5.86 -9.47
C ILE A 48 18.40 6.61 -8.74
N ILE A 49 19.63 6.50 -9.26
CA ILE A 49 20.79 7.13 -8.63
C ILE A 49 20.77 8.64 -8.75
N ALA A 50 20.25 9.15 -9.87
CA ALA A 50 20.25 10.59 -10.13
C ALA A 50 19.28 11.31 -9.22
N LYS A 51 18.19 10.63 -8.89
CA LYS A 51 17.15 11.21 -8.02
C LYS A 51 17.12 10.67 -6.57
N ASP A 52 18.30 10.31 -6.05
CA ASP A 52 18.48 9.89 -4.64
C ASP A 52 17.44 8.89 -4.09
N GLU A 53 16.98 7.97 -4.95
CA GLU A 53 15.99 6.95 -4.54
C GLU A 53 16.66 5.58 -4.37
N VAL A 54 17.92 5.56 -3.94
CA VAL A 54 18.67 4.31 -3.85
C VAL A 54 18.30 3.54 -2.60
N ALA A 55 18.38 4.23 -1.47
CA ALA A 55 18.01 3.67 -0.18
C ALA A 55 16.58 3.06 -0.22
N HIS A 56 15.66 3.76 -0.87
CA HIS A 56 14.28 3.33 -0.91
C HIS A 56 14.16 2.00 -1.61
N THR A 57 14.68 1.93 -2.83
CA THR A 57 14.79 0.67 -3.60
C THR A 57 15.45 -0.48 -2.81
N VAL A 58 16.52 -0.17 -2.09
CA VAL A 58 17.21 -1.14 -1.29
C VAL A 58 16.39 -1.54 -0.05
N THR A 59 15.69 -0.58 0.55
CA THR A 59 14.79 -0.88 1.67
C THR A 59 13.67 -1.81 1.20
N GLU A 60 13.15 -1.53 0.01
CA GLU A 60 12.02 -2.23 -0.53
C GLU A 60 12.37 -3.67 -0.71
N SER A 61 13.59 -3.92 -1.14
CA SER A 61 14.05 -5.29 -1.32
C SER A 61 14.32 -5.96 0.05
N ARG A 62 14.86 -5.23 1.00
CA ARG A 62 15.15 -5.81 2.31
C ARG A 62 13.85 -6.15 3.05
N VAL A 63 12.88 -5.26 2.91
CA VAL A 63 11.59 -5.43 3.57
C VAL A 63 10.89 -6.62 2.94
N LEU A 64 10.65 -6.53 1.65
CA LEU A 64 10.11 -7.64 0.88
C LEU A 64 10.80 -8.99 1.13
N GLN A 65 12.08 -8.99 1.52
CA GLN A 65 12.84 -10.24 1.80
C GLN A 65 12.58 -10.83 3.19
N ASN A 66 12.32 -9.98 4.17
CA ASN A 66 12.06 -10.38 5.55
C ASN A 66 10.58 -10.25 5.96
N THR A 67 9.66 -10.44 5.03
CA THR A 67 8.21 -10.44 5.35
C THR A 67 7.46 -11.57 4.71
N ARG A 68 6.54 -12.15 5.46
CA ARG A 68 5.73 -13.28 5.03
C ARG A 68 4.31 -13.12 5.59
N HIS A 69 3.35 -12.81 4.71
CA HIS A 69 1.99 -12.49 5.12
C HIS A 69 1.11 -12.45 3.89
N PRO A 70 -0.10 -13.03 3.97
CA PRO A 70 -0.97 -13.13 2.79
C PRO A 70 -1.43 -11.80 2.24
N PHE A 71 -1.54 -10.79 3.08
CA PHE A 71 -1.96 -9.45 2.64
C PHE A 71 -0.79 -8.47 2.40
N LEU A 72 0.44 -9.01 2.32
CA LEU A 72 1.58 -8.26 1.79
C LEU A 72 2.07 -8.91 0.51
N THR A 73 2.37 -8.14 -0.54
CA THR A 73 2.93 -8.74 -1.77
C THR A 73 4.25 -9.47 -1.56
N ALA A 74 4.42 -10.57 -2.31
CA ALA A 74 5.56 -11.46 -2.14
C ALA A 74 6.53 -11.37 -3.32
N LEU A 75 7.81 -11.16 -2.98
CA LEU A 75 8.94 -11.15 -3.90
C LEU A 75 9.40 -12.59 -4.17
N LYS A 76 9.40 -12.95 -5.46
CA LYS A 76 9.96 -14.22 -5.93
C LYS A 76 11.46 -14.03 -6.31
N TYR A 77 11.72 -12.99 -7.11
CA TYR A 77 13.07 -12.71 -7.63
C TYR A 77 13.44 -11.23 -7.56
N ALA A 78 14.67 -10.96 -7.11
CA ALA A 78 15.27 -9.64 -7.28
C ALA A 78 16.57 -9.87 -8.01
N PHE A 79 16.80 -9.09 -9.07
CA PHE A 79 18.04 -9.16 -9.82
C PHE A 79 18.29 -7.85 -10.55
N GLN A 80 19.51 -7.70 -11.06
CA GLN A 80 19.89 -6.52 -11.77
C GLN A 80 20.67 -6.84 -13.04
N THR A 81 20.61 -5.92 -14.00
CA THR A 81 21.56 -5.94 -15.10
C THR A 81 22.44 -4.70 -14.89
N HIS A 82 23.18 -4.33 -15.93
CA HIS A 82 24.15 -3.25 -15.83
C HIS A 82 23.43 -1.90 -15.65
N ASP A 83 22.26 -1.79 -16.24
CA ASP A 83 21.55 -0.51 -16.28
C ASP A 83 20.17 -0.56 -15.61
N ARG A 84 19.77 -1.74 -15.13
CA ARG A 84 18.44 -1.95 -14.57
C ARG A 84 18.42 -2.70 -13.24
N LEU A 85 17.34 -2.51 -12.48
CA LEU A 85 17.01 -3.35 -11.34
C LEU A 85 15.65 -3.97 -11.60
N CYS A 86 15.46 -5.22 -11.16
CA CYS A 86 14.23 -5.94 -11.46
C CYS A 86 13.69 -6.66 -10.24
N PHE A 87 12.42 -6.39 -9.88
CA PHE A 87 11.70 -7.18 -8.89
C PHE A 87 10.60 -8.00 -9.54
N VAL A 88 10.64 -9.30 -9.28
CA VAL A 88 9.60 -10.22 -9.74
C VAL A 88 8.74 -10.59 -8.54
N MET A 89 7.58 -9.94 -8.44
CA MET A 89 6.63 -10.15 -7.35
C MET A 89 5.36 -10.74 -7.89
N GLU A 90 4.54 -11.25 -6.97
CA GLU A 90 3.26 -11.84 -7.36
C GLU A 90 2.30 -10.80 -7.93
N TYR A 91 1.54 -11.25 -8.90
CA TYR A 91 0.67 -10.42 -9.69
C TYR A 91 -0.65 -10.18 -8.96
N ALA A 92 -1.03 -8.91 -8.79
CA ALA A 92 -2.36 -8.58 -8.28
C ALA A 92 -3.41 -8.37 -9.41
N ASN A 93 -4.04 -9.46 -9.85
CA ASN A 93 -5.04 -9.43 -10.96
C ASN A 93 -6.14 -8.40 -10.81
N GLY A 94 -6.50 -8.12 -9.58
CA GLY A 94 -7.65 -7.30 -9.30
C GLY A 94 -7.43 -5.81 -9.45
N GLY A 95 -6.23 -5.37 -9.77
CA GLY A 95 -5.96 -3.94 -9.85
C GLY A 95 -5.95 -3.21 -8.52
N GLU A 96 -5.86 -1.89 -8.57
CA GLU A 96 -5.80 -1.08 -7.36
C GLU A 96 -7.20 -0.78 -6.90
N LEU A 97 -7.36 -0.66 -5.59
CA LEU A 97 -8.57 -0.10 -5.01
C LEU A 97 -8.88 1.27 -5.56
N PHE A 98 -7.86 2.04 -5.84
CA PHE A 98 -8.07 3.31 -6.48
C PHE A 98 -8.95 3.13 -7.73
N PHE A 99 -8.69 2.07 -8.52
CA PHE A 99 -9.48 1.76 -9.75
C PHE A 99 -10.90 1.42 -9.41
N HIS A 100 -11.09 0.56 -8.40
CA HIS A 100 -12.44 0.11 -8.08
C HIS A 100 -13.27 1.19 -7.46
N LEU A 101 -12.64 1.99 -6.63
CA LEU A 101 -13.38 2.98 -5.88
C LEU A 101 -13.70 4.17 -6.77
N SER A 102 -12.86 4.46 -7.76
CA SER A 102 -13.19 5.42 -8.82
C SER A 102 -14.43 5.04 -9.63
N ARG A 103 -14.69 3.73 -9.74
CA ARG A 103 -15.82 3.18 -10.51
C ARG A 103 -17.08 3.16 -9.64
N GLU A 104 -17.04 2.46 -8.52
CA GLU A 104 -18.17 2.37 -7.55
C GLU A 104 -18.49 3.67 -6.77
N ARG A 105 -17.51 4.56 -6.62
CA ARG A 105 -17.66 5.84 -5.86
C ARG A 105 -17.61 5.66 -4.34
N VAL A 106 -18.21 4.59 -3.82
CA VAL A 106 -18.36 4.39 -2.39
C VAL A 106 -18.77 2.96 -2.12
N PHE A 107 -18.16 2.35 -1.12
CA PHE A 107 -18.42 0.96 -0.75
C PHE A 107 -19.42 0.91 0.39
N THR A 108 -20.03 -0.25 0.57
CA THR A 108 -20.88 -0.50 1.72
C THR A 108 -20.00 -0.59 2.96
N GLU A 109 -20.57 -0.34 4.14
CA GLU A 109 -19.83 -0.49 5.38
C GLU A 109 -19.25 -1.89 5.54
N GLU A 110 -20.03 -2.91 5.17
CA GLU A 110 -19.59 -4.30 5.28
C GLU A 110 -18.37 -4.59 4.40
N ARG A 111 -18.35 -4.01 3.20
CA ARG A 111 -17.25 -4.24 2.30
C ARG A 111 -15.99 -3.48 2.78
N ALA A 112 -16.11 -2.16 3.01
CA ALA A 112 -15.12 -1.38 3.76
C ALA A 112 -14.55 -2.17 4.94
N ARG A 113 -15.42 -2.75 5.74
CA ARG A 113 -15.00 -3.54 6.88
C ARG A 113 -14.15 -4.74 6.45
N PHE A 114 -14.51 -5.43 5.37
CA PHE A 114 -13.69 -6.52 4.93
C PHE A 114 -12.27 -6.06 4.67
N TYR A 115 -12.12 -5.06 3.80
CA TYR A 115 -10.81 -4.54 3.43
C TYR A 115 -10.06 -3.93 4.62
N GLY A 116 -10.78 -3.20 5.48
CA GLY A 116 -10.21 -2.61 6.67
C GLY A 116 -9.54 -3.65 7.54
N ALA A 117 -10.21 -4.78 7.78
CA ALA A 117 -9.60 -5.89 8.56
C ALA A 117 -8.29 -6.41 7.98
N GLU A 118 -8.22 -6.51 6.65
CA GLU A 118 -7.03 -7.09 6.03
C GLU A 118 -5.87 -6.12 6.17
N ILE A 119 -6.14 -4.82 5.96
CA ILE A 119 -5.13 -3.79 6.14
C ILE A 119 -4.63 -3.80 7.59
N VAL A 120 -5.57 -3.87 8.52
CA VAL A 120 -5.23 -3.88 9.94
C VAL A 120 -4.37 -5.10 10.31
N SER A 121 -4.71 -6.27 9.77
CA SER A 121 -3.94 -7.48 10.05
C SER A 121 -2.51 -7.37 9.54
N ALA A 122 -2.37 -6.74 8.40
CA ALA A 122 -1.09 -6.51 7.76
C ALA A 122 -0.22 -5.49 8.59
N LEU A 123 -0.76 -4.30 8.81
CA LEU A 123 -0.09 -3.31 9.66
C LEU A 123 0.24 -3.93 11.03
N GLU A 124 -0.56 -4.89 11.48
CA GLU A 124 -0.25 -5.56 12.73
C GLU A 124 1.04 -6.32 12.55
N TYR A 125 1.07 -7.10 11.47
CA TYR A 125 2.22 -7.93 11.17
C TYR A 125 3.45 -7.06 11.05
N LEU A 126 3.37 -6.04 10.21
CA LEU A 126 4.48 -5.12 9.95
C LEU A 126 4.97 -4.45 11.19
N HIS A 127 4.04 -4.00 12.03
CA HIS A 127 4.42 -3.40 13.29
C HIS A 127 5.08 -4.41 14.21
N SER A 128 4.64 -5.65 14.17
CA SER A 128 5.33 -6.72 14.92
C SER A 128 6.74 -7.01 14.40
N ARG A 129 7.01 -6.67 13.14
CA ARG A 129 8.36 -6.82 12.58
C ARG A 129 9.20 -5.56 12.75
N ASP A 130 8.72 -4.56 13.48
CA ASP A 130 9.41 -3.28 13.65
C ASP A 130 9.51 -2.46 12.34
N VAL A 131 8.49 -2.55 11.50
CA VAL A 131 8.44 -1.81 10.26
C VAL A 131 7.27 -0.87 10.31
N VAL A 132 7.45 0.37 9.89
CA VAL A 132 6.33 1.29 9.82
C VAL A 132 6.12 1.61 8.36
N TYR A 133 4.92 1.41 7.85
CA TYR A 133 4.70 1.39 6.40
C TYR A 133 4.66 2.77 5.73
N ARG A 134 4.06 3.76 6.36
CA ARG A 134 4.20 5.16 5.92
C ARG A 134 3.63 5.58 4.56
N ASP A 135 2.95 4.68 3.85
CA ASP A 135 2.40 5.07 2.58
C ASP A 135 1.11 4.32 2.27
N ILE A 136 0.16 4.36 3.20
CA ILE A 136 -1.15 3.75 2.96
C ILE A 136 -1.93 4.67 2.03
N LYS A 137 -2.33 4.14 0.89
CA LYS A 137 -3.19 4.86 -0.03
C LYS A 137 -3.89 3.89 -0.96
N LEU A 138 -4.92 4.35 -1.67
CA LEU A 138 -5.76 3.47 -2.50
C LEU A 138 -4.90 2.84 -3.61
N GLU A 139 -3.86 3.59 -4.00
CA GLU A 139 -2.93 3.17 -5.04
C GLU A 139 -2.05 2.02 -4.58
N ASN A 140 -1.70 1.99 -3.30
CA ASN A 140 -0.86 0.93 -2.77
C ASN A 140 -1.62 -0.27 -2.29
N LEU A 141 -2.96 -0.20 -2.36
CA LEU A 141 -3.81 -1.27 -1.93
C LEU A 141 -4.33 -2.01 -3.15
N MET A 142 -3.90 -3.25 -3.36
CA MET A 142 -4.41 -4.03 -4.50
C MET A 142 -5.21 -5.25 -4.10
N LEU A 143 -5.87 -5.84 -5.08
CA LEU A 143 -6.72 -7.00 -4.88
C LEU A 143 -6.16 -8.20 -5.60
N ASP A 144 -5.99 -9.35 -4.96
CA ASP A 144 -5.52 -10.52 -5.72
C ASP A 144 -6.62 -11.23 -6.52
N LYS A 145 -6.32 -12.39 -7.09
CA LYS A 145 -7.32 -13.13 -7.91
C LYS A 145 -8.51 -13.54 -7.07
N ASP A 146 -8.26 -13.83 -5.79
CA ASP A 146 -9.30 -14.29 -4.89
C ASP A 146 -10.14 -13.16 -4.28
N GLY A 147 -9.78 -11.90 -4.49
CA GLY A 147 -10.54 -10.74 -3.95
C GLY A 147 -9.96 -10.10 -2.69
N HIS A 148 -8.85 -10.67 -2.21
CA HIS A 148 -8.15 -10.16 -1.03
C HIS A 148 -7.19 -9.01 -1.33
N ILE A 149 -7.07 -8.12 -0.36
CA ILE A 149 -6.07 -7.06 -0.37
C ILE A 149 -4.62 -7.59 -0.38
N LYS A 150 -3.75 -6.83 -1.04
CA LYS A 150 -2.30 -6.95 -0.99
C LYS A 150 -1.70 -5.56 -0.95
N ILE A 151 -0.83 -5.30 0.02
CA ILE A 151 -0.13 -4.03 0.02
C ILE A 151 1.00 -4.15 -0.97
N THR A 152 1.09 -3.18 -1.86
CA THR A 152 2.21 -3.06 -2.76
C THR A 152 3.01 -1.83 -2.36
N ASP A 153 4.24 -1.73 -2.85
CA ASP A 153 5.14 -0.55 -2.66
C ASP A 153 5.61 -0.33 -1.22
N PHE A 154 6.89 -0.61 -0.97
CA PHE A 154 7.49 -0.57 0.38
C PHE A 154 8.74 0.32 0.45
N GLY A 155 8.94 1.14 -0.57
CA GLY A 155 10.06 2.06 -0.63
C GLY A 155 10.16 3.00 0.54
N LEU A 156 9.02 3.52 1.00
CA LEU A 156 8.98 4.53 2.10
C LEU A 156 9.07 4.00 3.56
N CYS A 157 9.16 2.68 3.74
CA CYS A 157 9.17 2.09 5.07
C CYS A 157 10.32 2.55 5.93
N LYS A 158 10.10 2.58 7.23
CA LYS A 158 11.16 2.67 8.18
C LYS A 158 11.32 1.33 8.87
N GLU A 159 12.56 0.91 9.12
CA GLU A 159 12.80 -0.38 9.80
C GLU A 159 13.32 -0.17 11.22
N GLY A 160 13.25 -1.22 12.03
CA GLY A 160 13.70 -1.15 13.43
C GLY A 160 13.03 -0.08 14.28
N ILE A 161 11.74 0.13 14.07
CA ILE A 161 10.90 0.97 14.95
C ILE A 161 9.97 0.04 15.74
N SER A 162 10.27 -0.18 17.03
CA SER A 162 9.45 -0.98 17.95
C SER A 162 8.89 -0.09 19.08
N ASP A 163 7.76 -0.50 19.66
CA ASP A 163 7.10 0.27 20.73
C ASP A 163 6.94 1.77 20.32
N GLY A 164 7.57 2.69 21.07
CA GLY A 164 7.44 4.12 20.81
C GLY A 164 8.72 4.75 20.26
N ALA A 165 9.26 4.15 19.22
CA ALA A 165 10.40 4.70 18.49
C ALA A 165 9.91 5.76 17.48
N THR A 166 10.80 6.70 17.17
CA THR A 166 10.46 7.88 16.39
C THR A 166 11.20 7.87 15.07
N MET A 167 10.72 8.70 14.15
CA MET A 167 11.30 8.85 12.82
C MET A 167 11.25 10.35 12.46
N LYS A 168 12.09 10.82 11.53
CA LYS A 168 12.14 12.25 11.16
C LYS A 168 11.83 12.55 9.69
N TPO A 169 12.04 11.61 8.80
CA TPO A 169 11.91 11.90 7.38
CB TPO A 169 12.28 10.68 6.56
CG2 TPO A 169 12.46 11.08 5.11
OG1 TPO A 169 13.46 10.08 7.11
P TPO A 169 13.51 8.50 7.39
O1P TPO A 169 13.20 7.92 6.03
O2P TPO A 169 12.48 8.33 8.48
O3P TPO A 169 14.91 8.14 7.78
C TPO A 169 10.53 12.38 6.97
O TPO A 169 9.50 11.74 7.24
N PHE A 170 10.50 13.53 6.32
CA PHE A 170 9.25 14.07 5.82
C PHE A 170 8.99 13.34 4.51
N CYS A 171 7.99 12.46 4.50
CA CYS A 171 7.82 11.54 3.38
C CYS A 171 6.40 11.01 3.26
N GLY A 172 6.13 10.23 2.23
CA GLY A 172 4.78 9.70 2.02
C GLY A 172 4.01 10.45 0.93
N THR A 173 2.70 10.60 1.12
CA THR A 173 1.80 11.16 0.11
C THR A 173 0.96 12.33 0.66
N PRO A 174 1.02 13.53 0.02
CA PRO A 174 0.44 14.76 0.60
C PRO A 174 -0.96 14.64 1.17
N GLU A 175 -1.85 14.01 0.41
CA GLU A 175 -3.25 13.84 0.83
C GLU A 175 -3.38 12.96 2.04
N TYR A 176 -2.47 12.04 2.21
CA TYR A 176 -2.57 11.05 3.26
C TYR A 176 -1.74 11.31 4.53
N LEU A 177 -1.16 12.51 4.67
CA LEU A 177 -0.18 12.79 5.73
C LEU A 177 -0.84 13.05 7.11
N ALA A 178 -0.30 12.40 8.16
CA ALA A 178 -0.82 12.56 9.51
C ALA A 178 -0.43 13.94 9.97
N PRO A 179 -1.26 14.58 10.80
CA PRO A 179 -0.94 15.92 11.27
C PRO A 179 0.43 16.07 11.92
N GLU A 180 0.91 15.02 12.61
CA GLU A 180 2.13 15.09 13.43
C GLU A 180 3.38 15.07 12.58
N VAL A 181 3.25 14.54 11.37
CA VAL A 181 4.29 14.59 10.35
C VAL A 181 4.36 15.97 9.67
N LEU A 182 3.33 16.80 9.81
CA LEU A 182 3.36 18.17 9.29
C LEU A 182 3.82 19.14 10.36
N GLU A 183 4.13 18.62 11.56
CA GLU A 183 4.76 19.40 12.64
C GLU A 183 6.22 19.09 12.61
N ASP A 184 7.04 20.08 12.90
CA ASP A 184 8.46 19.83 12.91
C ASP A 184 8.77 18.68 13.87
N ASN A 185 9.97 18.13 13.71
CA ASN A 185 10.48 17.07 14.58
C ASN A 185 9.85 15.67 14.39
N ASP A 186 10.12 14.76 15.33
CA ASP A 186 10.00 13.33 15.06
C ASP A 186 8.60 12.83 15.34
N TYR A 187 8.33 11.61 14.88
CA TYR A 187 6.98 11.03 14.92
C TYR A 187 7.01 9.49 14.98
N GLY A 188 5.94 8.88 15.48
CA GLY A 188 5.91 7.44 15.74
C GLY A 188 4.99 6.67 14.80
N ARG A 189 4.79 5.40 15.14
CA ARG A 189 4.11 4.42 14.26
C ARG A 189 2.60 4.59 14.13
N ALA A 190 2.05 5.40 15.02
CA ALA A 190 0.68 5.87 14.92
C ALA A 190 0.34 6.35 13.53
N VAL A 191 1.33 6.84 12.78
CA VAL A 191 1.04 7.40 11.46
C VAL A 191 0.32 6.41 10.55
N ASP A 192 0.64 5.13 10.71
CA ASP A 192 -0.01 4.09 9.91
C ASP A 192 -1.53 4.04 10.17
N TRP A 193 -1.94 4.32 11.41
CA TRP A 193 -3.35 4.26 11.74
C TRP A 193 -4.08 5.46 11.21
N TRP A 194 -3.45 6.62 11.27
CA TRP A 194 -4.01 7.76 10.55
C TRP A 194 -4.27 7.36 9.10
N GLY A 195 -3.28 6.74 8.48
CA GLY A 195 -3.41 6.25 7.11
C GLY A 195 -4.62 5.37 6.85
N LEU A 196 -4.90 4.47 7.77
CA LEU A 196 -6.01 3.54 7.65
C LEU A 196 -7.31 4.33 7.72
N GLY A 197 -7.27 5.39 8.53
CA GLY A 197 -8.42 6.26 8.75
C GLY A 197 -8.74 6.98 7.47
N VAL A 198 -7.74 7.41 6.74
CA VAL A 198 -8.02 8.09 5.50
C VAL A 198 -8.56 7.15 4.41
N VAL A 199 -8.06 5.90 4.30
CA VAL A 199 -8.57 4.99 3.26
C VAL A 199 -9.98 4.46 3.59
N MET A 200 -10.23 4.14 4.85
CA MET A 200 -11.57 3.72 5.27
C MET A 200 -12.61 4.80 4.98
N TYR A 201 -12.20 6.06 5.13
CA TYR A 201 -13.05 7.19 4.94
C TYR A 201 -13.31 7.37 3.46
N GLU A 202 -12.32 7.13 2.65
CA GLU A 202 -12.51 7.19 1.21
C GLU A 202 -13.42 6.07 0.78
N MET A 203 -13.24 4.90 1.37
CA MET A 203 -14.10 3.77 1.05
C MET A 203 -15.55 3.98 1.47
N MET A 204 -15.79 4.73 2.55
CA MET A 204 -17.15 4.80 3.12
C MET A 204 -17.92 6.08 2.80
N CYS A 205 -17.20 7.19 2.83
CA CYS A 205 -17.73 8.51 2.51
C CYS A 205 -17.45 8.94 1.08
N GLY A 206 -16.78 8.10 0.31
CA GLY A 206 -16.58 8.36 -1.12
C GLY A 206 -15.72 9.57 -1.48
N ARG A 207 -15.03 10.18 -0.51
CA ARG A 207 -14.08 11.25 -0.85
C ARG A 207 -12.96 11.32 0.16
N LEU A 208 -11.89 12.03 -0.18
CA LEU A 208 -10.78 12.26 0.74
C LEU A 208 -11.26 13.13 1.89
N PRO A 209 -10.80 12.86 3.12
CA PRO A 209 -11.25 13.69 4.21
C PRO A 209 -10.89 15.18 4.07
N PHE A 210 -9.72 15.49 3.51
CA PHE A 210 -9.22 16.88 3.32
C PHE A 210 -8.57 16.97 1.96
N TYR A 211 -8.90 17.96 1.15
CA TYR A 211 -8.30 18.05 -0.17
C TYR A 211 -8.21 19.46 -0.74
N ASN A 212 -7.05 19.78 -1.28
CA ASN A 212 -6.85 21.04 -1.97
C ASN A 212 -5.64 20.82 -2.88
N GLN A 213 -5.75 21.22 -4.16
CA GLN A 213 -4.65 21.04 -5.11
C GLN A 213 -3.41 21.82 -4.66
N ASP A 214 -3.62 23.02 -4.13
CA ASP A 214 -2.55 23.75 -3.45
C ASP A 214 -2.13 22.94 -2.21
N HIS A 215 -0.85 22.60 -2.12
CA HIS A 215 -0.36 21.77 -0.99
C HIS A 215 -0.28 22.58 0.32
N GLU A 216 0.09 23.85 0.25
CA GLU A 216 -0.01 24.75 1.40
C GLU A 216 -1.40 24.69 2.07
N ARG A 217 -2.47 24.72 1.27
CA ARG A 217 -3.85 24.62 1.81
C ARG A 217 -4.19 23.22 2.31
N LEU A 218 -3.79 22.21 1.54
CA LEU A 218 -4.02 20.81 1.93
C LEU A 218 -3.44 20.49 3.30
N PHE A 219 -2.30 21.10 3.63
CA PHE A 219 -1.70 20.95 4.96
C PHE A 219 -2.41 21.77 6.03
N GLU A 220 -2.75 23.02 5.75
CA GLU A 220 -3.64 23.79 6.64
C GLU A 220 -4.90 22.99 6.95
N LEU A 221 -5.46 22.30 5.97
CA LEU A 221 -6.61 21.40 6.21
C LEU A 221 -6.26 20.25 7.17
N ILE A 222 -5.35 19.35 6.81
CA ILE A 222 -5.02 18.24 7.71
C ILE A 222 -4.73 18.66 9.18
N LEU A 223 -4.08 19.81 9.38
CA LEU A 223 -3.77 20.24 10.74
C LEU A 223 -4.94 20.85 11.46
N MET A 224 -5.62 21.79 10.82
CA MET A 224 -6.59 22.67 11.50
C MET A 224 -8.04 22.18 11.42
N GLU A 225 -8.47 21.67 10.27
CA GLU A 225 -9.90 21.35 10.05
C GLU A 225 -10.37 20.03 10.65
N GLU A 226 -11.61 20.04 11.11
CA GLU A 226 -12.27 18.84 11.64
C GLU A 226 -13.05 18.13 10.53
N ILE A 227 -12.89 16.82 10.50
CA ILE A 227 -13.61 15.97 9.56
C ILE A 227 -15.12 16.12 9.73
N ARG A 228 -15.84 16.17 8.62
CA ARG A 228 -17.28 16.04 8.63
C ARG A 228 -17.57 14.62 8.24
N PHE A 229 -18.73 14.11 8.68
CA PHE A 229 -19.24 12.79 8.32
C PHE A 229 -20.62 12.93 7.71
N PRO A 230 -20.96 12.07 6.75
CA PRO A 230 -22.35 11.99 6.25
C PRO A 230 -23.34 11.60 7.33
N ARG A 231 -24.57 12.12 7.20
CA ARG A 231 -25.58 11.95 8.24
C ARG A 231 -25.98 10.51 8.49
N THR A 232 -26.20 9.73 7.43
CA THR A 232 -26.64 8.34 7.60
C THR A 232 -25.49 7.31 7.60
N LEU A 233 -24.28 7.74 7.97
CA LEU A 233 -23.16 6.82 8.16
C LEU A 233 -23.35 6.19 9.56
N SER A 234 -23.15 4.88 9.68
CA SER A 234 -23.47 4.21 10.96
C SER A 234 -22.72 4.82 12.14
N PRO A 235 -23.31 4.75 13.33
CA PRO A 235 -22.63 5.35 14.49
C PRO A 235 -21.28 4.71 14.80
N GLU A 236 -21.14 3.40 14.59
CA GLU A 236 -19.90 2.68 14.88
C GLU A 236 -18.84 2.98 13.82
N ALA A 237 -19.28 3.16 12.59
CA ALA A 237 -18.42 3.71 11.52
C ALA A 237 -17.98 5.15 11.86
N LYS A 238 -18.90 6.05 12.20
CA LYS A 238 -18.50 7.41 12.61
C LYS A 238 -17.49 7.36 13.76
N SER A 239 -17.72 6.44 14.69
CA SER A 239 -16.86 6.25 15.86
C SER A 239 -15.46 5.77 15.42
N LEU A 240 -15.42 4.76 14.59
CA LEU A 240 -14.14 4.25 14.09
C LEU A 240 -13.35 5.38 13.45
N LEU A 241 -13.95 6.07 12.49
CA LEU A 241 -13.27 7.15 11.78
C LEU A 241 -12.84 8.29 12.66
N ALA A 242 -13.70 8.72 13.58
CA ALA A 242 -13.30 9.81 14.50
C ALA A 242 -12.10 9.35 15.31
N GLY A 243 -12.02 8.04 15.60
CA GLY A 243 -10.91 7.50 16.37
C GLY A 243 -9.62 7.40 15.58
N LEU A 244 -9.69 6.96 14.32
CA LEU A 244 -8.49 6.84 13.50
C LEU A 244 -7.98 8.20 12.98
N LEU A 245 -8.88 9.15 12.70
CA LEU A 245 -8.53 10.51 12.24
C LEU A 245 -8.51 11.51 13.43
N LYS A 246 -8.31 11.01 14.64
CA LYS A 246 -8.02 11.91 15.73
C LYS A 246 -6.64 12.50 15.39
N LYS A 247 -6.51 13.83 15.48
CA LYS A 247 -5.27 14.51 15.13
C LYS A 247 -4.11 14.20 16.09
N ASP A 248 -4.39 14.15 17.40
CA ASP A 248 -3.33 13.87 18.37
C ASP A 248 -3.02 12.38 18.36
N PRO A 249 -1.80 11.99 17.99
CA PRO A 249 -1.42 10.55 17.95
C PRO A 249 -1.63 9.76 19.26
N LYS A 250 -1.38 10.40 20.39
CA LYS A 250 -1.49 9.70 21.66
C LYS A 250 -2.96 9.38 21.95
N GLN A 251 -3.86 10.23 21.44
CA GLN A 251 -5.30 10.02 21.59
C GLN A 251 -5.95 9.28 20.40
N ARG A 252 -5.17 8.95 19.37
CA ARG A 252 -5.70 8.26 18.23
C ARG A 252 -5.88 6.76 18.50
N LEU A 253 -6.88 6.18 17.87
CA LEU A 253 -7.20 4.78 18.01
C LEU A 253 -6.05 3.99 17.41
N GLY A 254 -5.47 3.08 18.17
CA GLY A 254 -4.23 2.40 17.75
C GLY A 254 -2.97 3.19 18.04
N GLY A 255 -3.12 4.41 18.57
CA GLY A 255 -2.02 5.27 19.01
C GLY A 255 -1.52 5.00 20.43
N GLY A 256 -2.30 4.29 21.25
CA GLY A 256 -1.84 3.87 22.58
C GLY A 256 -0.73 2.82 22.57
N PRO A 257 -0.45 2.20 23.74
CA PRO A 257 0.64 1.19 23.77
C PRO A 257 0.29 -0.16 23.10
N SER A 258 -1.00 -0.46 22.98
CA SER A 258 -1.47 -1.72 22.38
C SER A 258 -1.46 -1.73 20.85
N ASP A 259 -1.44 -0.54 20.24
CA ASP A 259 -1.35 -0.41 18.78
C ASP A 259 -2.57 -1.01 18.03
N ALA A 260 -2.34 -2.00 17.16
CA ALA A 260 -3.41 -2.58 16.35
C ALA A 260 -4.57 -3.17 17.16
N LYS A 261 -4.31 -3.51 18.43
CA LYS A 261 -5.29 -4.19 19.26
C LYS A 261 -6.48 -3.27 19.64
N GLU A 262 -6.20 -2.01 19.97
CA GLU A 262 -7.24 -0.98 20.13
C GLU A 262 -8.14 -0.83 18.89
N VAL A 263 -7.56 -1.03 17.72
CA VAL A 263 -8.34 -0.99 16.48
C VAL A 263 -9.11 -2.26 16.29
N MET A 264 -8.53 -3.40 16.68
CA MET A 264 -9.26 -4.66 16.60
C MET A 264 -10.41 -4.77 17.59
N GLU A 265 -10.25 -4.16 18.76
CA GLU A 265 -11.30 -4.20 19.80
C GLU A 265 -12.31 -3.03 19.73
N HIS A 266 -12.39 -2.29 18.60
CA HIS A 266 -13.41 -1.27 18.38
C HIS A 266 -14.66 -1.97 17.88
N ARG A 267 -15.82 -1.39 18.13
CA ARG A 267 -17.08 -2.06 17.85
C ARG A 267 -17.49 -2.01 16.37
N PHE A 268 -16.73 -1.30 15.54
CA PHE A 268 -16.92 -1.41 14.10
C PHE A 268 -16.60 -2.84 13.59
N PHE A 269 -15.71 -3.52 14.30
CA PHE A 269 -15.15 -4.81 13.91
C PHE A 269 -15.66 -5.91 14.81
N LEU A 270 -16.85 -5.71 15.38
CA LEU A 270 -17.33 -6.64 16.41
C LEU A 270 -17.56 -8.02 15.81
N SER A 271 -17.92 -8.09 14.53
CA SER A 271 -18.28 -9.34 13.84
C SER A 271 -17.08 -10.10 13.25
N ILE A 272 -15.92 -9.44 13.26
CA ILE A 272 -14.70 -9.98 12.65
C ILE A 272 -13.96 -10.86 13.63
N ASN A 273 -13.66 -12.07 13.17
CA ASN A 273 -12.86 -13.04 13.87
C ASN A 273 -11.43 -12.85 13.41
N TRP A 274 -10.59 -12.20 14.21
CA TRP A 274 -9.20 -11.88 13.82
C TRP A 274 -8.27 -13.08 13.64
N GLN A 275 -8.65 -14.24 14.18
CA GLN A 275 -7.88 -15.47 13.97
C GLN A 275 -8.01 -15.93 12.52
N ASP A 276 -9.18 -15.69 11.93
CA ASP A 276 -9.60 -16.29 10.66
C ASP A 276 -9.60 -15.32 9.46
N VAL A 277 -9.11 -14.10 9.70
CA VAL A 277 -8.92 -13.08 8.67
C VAL A 277 -7.64 -13.44 7.95
N VAL A 278 -6.56 -13.55 8.73
CA VAL A 278 -5.26 -14.06 8.24
C VAL A 278 -5.33 -15.45 7.61
N GLN A 279 -6.02 -16.38 8.25
CA GLN A 279 -6.16 -17.71 7.68
C GLN A 279 -7.02 -17.72 6.42
N LYS A 280 -7.65 -16.58 6.12
CA LYS A 280 -8.38 -16.34 4.87
C LYS A 280 -9.66 -17.19 4.73
N LYS A 281 -10.33 -17.48 5.86
CA LYS A 281 -11.58 -18.26 5.84
C LYS A 281 -12.82 -17.44 5.44
N LEU A 282 -12.65 -16.14 5.24
CA LEU A 282 -13.77 -15.26 4.85
C LEU A 282 -13.97 -15.20 3.32
N LEU A 283 -15.18 -15.52 2.82
CA LEU A 283 -15.52 -15.29 1.40
C LEU A 283 -15.42 -13.80 1.11
N PRO A 284 -14.48 -13.40 0.23
CA PRO A 284 -14.41 -11.96 0.01
C PRO A 284 -15.67 -11.39 -0.67
N PRO A 285 -15.97 -10.11 -0.38
CA PRO A 285 -17.17 -9.51 -0.91
C PRO A 285 -17.10 -9.22 -2.39
N PHE A 286 -15.90 -9.31 -2.98
CA PHE A 286 -15.71 -9.05 -4.42
C PHE A 286 -14.60 -9.89 -5.09
N LYS A 287 -14.96 -10.63 -6.14
CA LYS A 287 -14.05 -11.46 -6.93
C LYS A 287 -13.74 -10.79 -8.25
N PRO A 288 -12.45 -10.46 -8.54
CA PRO A 288 -12.21 -9.86 -9.84
C PRO A 288 -12.68 -10.82 -10.92
N GLN A 289 -13.26 -10.26 -11.96
CA GLN A 289 -13.90 -11.06 -12.98
C GLN A 289 -13.02 -11.21 -14.20
N VAL A 290 -11.99 -12.04 -14.07
CA VAL A 290 -11.00 -12.17 -15.14
C VAL A 290 -11.22 -13.50 -15.86
N THR A 291 -11.24 -13.44 -17.19
CA THR A 291 -11.37 -14.61 -18.05
C THR A 291 -10.06 -15.41 -18.07
N SER A 292 -9.04 -14.87 -18.73
CA SER A 292 -7.70 -15.48 -18.75
C SER A 292 -6.80 -14.97 -17.62
N GLU A 293 -5.59 -15.50 -17.56
CA GLU A 293 -4.57 -15.00 -16.66
C GLU A 293 -3.98 -13.67 -17.13
N VAL A 294 -4.10 -13.43 -18.44
CA VAL A 294 -3.44 -12.30 -19.09
C VAL A 294 -4.38 -11.09 -19.28
N ASP A 295 -5.55 -11.14 -18.65
CA ASP A 295 -6.56 -10.10 -18.80
C ASP A 295 -6.32 -9.00 -17.80
N THR A 296 -6.22 -7.77 -18.32
CA THR A 296 -5.91 -6.60 -17.51
C THR A 296 -7.02 -5.53 -17.60
N ARG A 297 -8.24 -5.92 -17.22
CA ARG A 297 -9.39 -5.02 -17.32
C ARG A 297 -9.54 -4.16 -16.09
N TYR A 298 -8.71 -4.46 -15.07
CA TYR A 298 -8.71 -3.75 -13.79
C TYR A 298 -7.46 -2.87 -13.67
N PHE A 299 -6.70 -2.79 -14.76
CA PHE A 299 -5.68 -1.78 -14.94
C PHE A 299 -6.15 -0.87 -16.08
N ASP A 300 -5.50 0.29 -16.21
CA ASP A 300 -5.91 1.34 -17.16
C ASP A 300 -5.52 1.06 -18.61
N ASP A 301 -6.41 1.33 -19.56
CA ASP A 301 -6.07 1.28 -20.98
C ASP A 301 -4.87 2.14 -21.32
N GLU A 302 -4.73 3.25 -20.59
CA GLU A 302 -3.59 4.16 -20.69
C GLU A 302 -2.28 3.39 -20.89
N PHE A 303 -1.98 2.46 -19.97
CA PHE A 303 -0.78 1.60 -19.99
C PHE A 303 -0.95 0.27 -20.77
N THR A 304 -2.05 -0.44 -20.53
CA THR A 304 -2.25 -1.79 -21.11
C THR A 304 -2.33 -1.88 -22.64
N ALA A 305 -2.78 -0.80 -23.30
CA ALA A 305 -2.91 -0.74 -24.77
C ALA A 305 -1.58 -0.65 -25.51
N GLN A 306 -0.53 -0.21 -24.81
CA GLN A 306 0.84 -0.13 -25.37
C GLN A 306 1.53 -1.51 -25.49
N SER A 307 2.23 -1.73 -26.60
CA SER A 307 3.18 -2.86 -26.74
C SER A 307 4.51 -2.52 -26.03
N ILE A 308 5.51 -3.41 -26.09
CA ILE A 308 6.66 -3.31 -25.18
C ILE A 308 8.05 -3.63 -25.76
N THR A 309 9.08 -3.08 -25.10
CA THR A 309 10.49 -3.20 -25.56
C THR A 309 11.10 -4.54 -25.16
N GLN A 330 30.03 -4.61 -5.06
CA GLN A 330 30.67 -3.31 -5.04
C GLN A 330 29.73 -2.23 -4.49
N GLU A 331 29.57 -2.23 -3.18
CA GLU A 331 28.94 -1.14 -2.42
C GLU A 331 27.42 -0.97 -2.58
N MET A 332 27.01 -0.26 -3.64
CA MET A 332 25.72 0.45 -3.68
C MET A 332 24.46 -0.42 -3.74
N PHE A 333 24.50 -1.48 -4.55
CA PHE A 333 23.37 -2.43 -4.64
C PHE A 333 23.76 -3.79 -4.09
N GLU A 334 24.38 -3.80 -2.91
CA GLU A 334 24.85 -5.03 -2.28
C GLU A 334 23.68 -5.91 -1.81
N ASP A 335 22.76 -5.34 -1.04
CA ASP A 335 21.66 -6.11 -0.42
C ASP A 335 20.39 -6.04 -1.28
N PHE A 336 20.44 -6.62 -2.47
CA PHE A 336 19.37 -6.47 -3.45
C PHE A 336 18.96 -7.75 -4.17
N ASP A 337 19.89 -8.40 -4.82
CA ASP A 337 19.58 -9.64 -5.51
C ASP A 337 18.93 -10.64 -4.56
N TYR A 338 18.10 -11.51 -5.10
CA TYR A 338 17.27 -12.37 -4.28
C TYR A 338 16.62 -13.52 -5.04
N ILE A 339 16.59 -14.69 -4.41
CA ILE A 339 15.73 -15.77 -4.87
C ILE A 339 14.96 -16.35 -3.71
N ALA A 340 13.64 -16.32 -3.82
CA ALA A 340 12.73 -16.83 -2.82
C ALA A 340 12.80 -18.34 -2.76
N ASP A 341 12.67 -18.89 -1.55
CA ASP A 341 12.68 -20.35 -1.37
C ASP A 341 11.32 -20.96 -1.72
N TRP A 342 10.24 -20.19 -1.52
CA TRP A 342 8.89 -20.60 -1.95
C TRP A 342 8.80 -20.70 -3.47
N GLY B 1 -13.83 9.23 -8.52
CA GLY B 1 -12.67 9.82 -9.26
C GLY B 1 -11.47 10.22 -8.41
N ARG B 2 -11.24 11.54 -8.30
CA ARG B 2 -10.03 12.15 -7.70
C ARG B 2 -8.70 11.69 -8.35
N PRO B 3 -7.80 12.66 -8.65
CA PRO B 3 -6.60 12.34 -9.43
C PRO B 3 -5.63 11.46 -8.68
N ARG B 4 -4.78 10.75 -9.42
CA ARG B 4 -3.76 9.88 -8.87
C ARG B 4 -2.68 10.66 -8.12
N THR B 5 -2.39 10.22 -6.89
CA THR B 5 -1.39 10.83 -6.02
C THR B 5 0.04 10.32 -6.26
N THR B 6 1.01 11.08 -5.77
CA THR B 6 2.44 10.82 -5.97
C THR B 6 3.18 10.89 -4.63
N SER B 7 3.90 9.82 -4.31
CA SER B 7 4.73 9.80 -3.10
C SER B 7 5.93 10.72 -3.26
N PHE B 8 6.30 11.41 -2.18
CA PHE B 8 7.53 12.18 -2.14
C PHE B 8 8.37 11.70 -0.94
N ALA B 9 9.58 12.21 -0.84
CA ALA B 9 10.39 12.14 0.37
C ALA B 9 11.42 13.24 0.25
N GLU B 10 11.46 14.20 1.18
CA GLU B 10 12.42 15.31 1.11
C GLU B 10 13.87 14.80 1.04
N1 X37 C . 2.06 -2.78 -10.07
C2 X37 C . 2.89 -2.03 -9.14
C3 X37 C . 2.04 -1.28 -8.15
C4 X37 C . 0.95 -0.43 -8.84
N5 X37 C . -0.16 -0.32 -7.83
C9 X37 C . 1.32 1.05 -9.05
C10 X37 C . 2.67 1.41 -9.63
C11 X37 C . 3.77 1.62 -8.81
C12 X37 C . 4.99 1.98 -9.33
C13 X37 C . 5.17 2.15 -10.70
C14 X37 C . 4.06 1.95 -11.54
C15 X37 C . 2.82 1.59 -11.01
C16 X37 C . 6.54 2.56 -11.28
C17 X37 C . 7.25 3.54 -10.37
C18 X37 C . 7.45 1.33 -11.46
C19 X37 C . 6.37 3.24 -12.64
C20 X37 C . 0.30 -1.07 -10.09
C21 X37 C . 1.27 -1.87 -10.93
C22 X37 C . 1.62 -4.09 -9.83
N23 X37 C . 0.62 -4.53 -10.61
C24 X37 C . 0.19 -5.77 -10.40
N25 X37 C . 0.64 -6.66 -9.50
C26 X37 C . 1.63 -6.20 -8.76
N27 X37 C . 2.29 -6.87 -7.78
C29 X37 C . 3.24 -6.06 -7.26
C30 X37 C . 3.19 -4.88 -7.91
C31 X37 C . 2.19 -4.93 -8.84
HN5 X37 C . -0.79 0.26 -8.12
HN5A X37 C . -0.57 -1.14 -7.70
HN5B X37 C . 0.16 -0.01 -7.02
HN27 X37 C . 2.13 -7.72 -7.52
H2 X37 C . 3.47 -2.64 -8.67
H2A X37 C . 3.46 -1.40 -9.64
H3 X37 C . 1.61 -1.91 -7.56
H3A X37 C . 2.60 -0.70 -7.63
H9 X37 C . 0.64 1.44 -9.63
H9A X37 C . 1.25 1.50 -8.18
H11 X37 C . 3.67 1.52 -7.87
H12 X37 C . 5.73 2.11 -8.74
H14 X37 C . 4.15 2.05 -12.47
H15 X37 C . 2.09 1.46 -11.59
H17 X37 C . 7.57 3.08 -9.57
H17A X37 C . 8.01 3.94 -10.83
H17B X37 C . 6.63 4.24 -10.10
H18 X37 C . 6.91 0.55 -11.67
H18A X37 C . 8.09 1.49 -12.18
H18B X37 C . 7.93 1.17 -10.64
H19 X37 C . 5.65 3.89 -12.60
H19A X37 C . 7.20 3.67 -12.91
H19B X37 C . 6.14 2.57 -13.33
H20 X37 C . -0.42 -1.64 -9.80
H20A X37 C . -0.07 -0.35 -10.64
H21 X37 C . 1.88 -1.26 -11.40
H21A X37 C . 0.78 -2.39 -11.59
H24 X37 C . -0.52 -6.07 -10.94
H29 X37 C . 3.83 -6.31 -6.55
H30 X37 C . 3.74 -4.14 -7.74
#